data_9JTX
#
_entry.id   9JTX
#
_cell.length_a   86.577
_cell.length_b   86.577
_cell.length_c   145.177
_cell.angle_alpha   90.000
_cell.angle_beta   90.000
_cell.angle_gamma   90.000
#
_symmetry.space_group_name_H-M   'P 41 21 2'
#
loop_
_entity.id
_entity.type
_entity.pdbx_description
1 polymer 'Hypoxia-inducible factor 1-alpha inhibitor'
2 non-polymer 'SULFATE ION'
3 non-polymer '2-methyl-2-[[4-oxidanyl-2-oxidanylidene-1-(1,3-thiazol-4-ylmethoxy)quinolin-3-yl]carbonylamino]propanoic acid'
4 non-polymer 'ZINC ION'
5 water water
#
_entity_poly.entity_id   1
_entity_poly.type   'polypeptide(L)'
_entity_poly.pdbx_seq_one_letter_code
;MAATAAEAVASGSGEPREEAGALGPAWDESQLRSYSFPTRPIPRLSQSDPRAEELIENEEPVVLTDTNLVYPALKWDLEY
LQENIGNGDFSVYSASTHKFLYYDEKKMANFQNFKPRSNREEMKFHEFVEKLQDIQQRGGEERLYLQQTLNDTVGRKIVM
DFLGFNWNWINKQQGKRGWGQLTSNLLLIGMEGNVTPAHYDEQQNFFAQIKGYKRCILFPPDQFECLYPYPVHHPCDRQS
QVDFDNPDYERFPNFQNVVGYETVVGPGDVLYIPMYWWHHIESLLNGGITITVNFWYKGAPTPKRIEYPLKAHQKVAIMR
NIEKMLGEALGNPQEVGPLLNTMIKGRYN
;
_entity_poly.pdbx_strand_id   A
#
loop_
_chem_comp.id
_chem_comp.type
_chem_comp.name
_chem_comp.formula
A1L4V non-polymer '2-methyl-2-[[4-oxidanyl-2-oxidanylidene-1-(1,3-thiazol-4-ylmethoxy)quinolin-3-yl]carbonylamino]propanoic acid' 'C18 H17 N3 O6 S'
SO4 non-polymer 'SULFATE ION' 'O4 S -2'
ZN non-polymer 'ZINC ION' 'Zn 2'
#
# COMPACT_ATOMS: atom_id res chain seq x y z
N ALA A 10 2.24 -10.06 19.05
CA ALA A 10 3.37 -9.97 19.96
C ALA A 10 4.60 -9.40 19.26
N SER A 11 5.10 -10.14 18.27
CA SER A 11 6.28 -9.70 17.51
C SER A 11 6.26 -10.43 16.16
N GLY A 12 5.88 -9.70 15.11
CA GLY A 12 5.86 -10.28 13.78
C GLY A 12 7.12 -9.93 13.00
N SER A 13 7.55 -8.67 13.08
CA SER A 13 8.78 -8.25 12.43
C SER A 13 10.02 -8.88 13.05
N GLY A 14 9.90 -9.47 14.24
CA GLY A 14 11.04 -10.07 14.89
C GLY A 14 11.91 -9.03 15.57
N GLU A 15 13.13 -9.44 15.90
CA GLU A 15 14.09 -8.51 16.48
C GLU A 15 14.61 -7.57 15.39
N PRO A 16 14.82 -6.29 15.71
CA PRO A 16 15.27 -5.35 14.69
C PRO A 16 16.65 -5.71 14.16
N ARG A 17 16.82 -5.55 12.85
CA ARG A 17 18.10 -5.82 12.23
C ARG A 17 19.17 -4.84 12.71
N GLU A 18 20.38 -5.34 12.85
CA GLU A 18 21.53 -4.51 13.22
C GLU A 18 22.20 -3.99 11.96
N GLU A 19 22.41 -2.68 11.91
CA GLU A 19 23.02 -2.06 10.73
C GLU A 19 24.53 -2.29 10.73
N ALA A 20 25.11 -2.27 9.53
CA ALA A 20 26.53 -2.50 9.38
C ALA A 20 27.34 -1.41 10.07
N GLY A 21 28.61 -1.70 10.30
CA GLY A 21 29.47 -0.76 10.99
C GLY A 21 29.12 -0.53 12.44
N ALA A 22 28.32 -1.43 13.03
CA ALA A 22 27.91 -1.34 14.44
C ALA A 22 27.20 -0.04 14.75
N LEU A 23 26.44 0.49 13.79
CA LEU A 23 25.71 1.74 13.97
C LEU A 23 24.44 1.57 14.81
N GLY A 24 24.24 0.39 15.40
CA GLY A 24 23.13 0.18 16.31
C GLY A 24 21.88 -0.33 15.61
N PRO A 25 20.79 -0.46 16.37
CA PRO A 25 19.55 -0.97 15.78
C PRO A 25 18.92 0.07 14.86
N ALA A 26 18.44 -0.41 13.71
CA ALA A 26 17.74 0.47 12.78
C ALA A 26 16.49 1.06 13.42
N TRP A 27 15.73 0.23 14.15
CA TRP A 27 14.55 0.69 14.84
C TRP A 27 14.42 -0.10 16.13
N ASP A 28 13.45 0.29 16.95
CA ASP A 28 13.04 -0.49 18.11
C ASP A 28 11.51 -0.50 18.18
N GLU A 29 10.98 -1.46 18.93
CA GLU A 29 9.55 -1.75 18.89
C GLU A 29 8.69 -0.59 19.38
N SER A 30 9.25 0.35 20.16
CA SER A 30 8.48 1.50 20.58
C SER A 30 8.08 2.40 19.42
N GLN A 31 8.67 2.21 18.25
CA GLN A 31 8.32 2.96 17.04
C GLN A 31 7.18 2.30 16.27
N LEU A 32 6.70 1.15 16.71
CA LEU A 32 5.59 0.45 16.07
C LEU A 32 4.31 0.74 16.84
N ARG A 33 3.22 0.91 16.11
CA ARG A 33 1.92 1.09 16.74
C ARG A 33 1.39 -0.24 17.27
N SER A 34 0.54 -0.16 18.28
N SER A 34 0.55 -0.16 18.29
CA SER A 34 0.00 -1.34 18.94
CA SER A 34 -0.02 -1.33 18.95
C SER A 34 -1.38 -1.68 18.40
C SER A 34 -1.38 -1.66 18.34
N TYR A 35 -1.58 -2.94 18.03
CA TYR A 35 -2.84 -3.41 17.46
C TYR A 35 -3.26 -4.69 18.18
N SER A 36 -4.46 -5.16 17.86
CA SER A 36 -5.12 -6.20 18.61
C SER A 36 -4.97 -7.60 18.03
N PHE A 37 -4.30 -7.75 16.89
CA PHE A 37 -4.24 -9.01 16.19
C PHE A 37 -2.82 -9.57 16.16
N PRO A 38 -2.66 -10.89 16.08
CA PRO A 38 -1.34 -11.48 15.97
C PRO A 38 -0.80 -11.43 14.54
N THR A 39 0.52 -11.47 14.44
CA THR A 39 1.20 -11.46 13.15
C THR A 39 2.34 -12.47 13.16
N ARG A 40 2.83 -12.78 11.97
CA ARG A 40 3.97 -13.65 11.74
C ARG A 40 4.85 -13.04 10.67
N PRO A 41 6.14 -13.39 10.63
CA PRO A 41 7.08 -12.66 9.76
C PRO A 41 6.91 -13.00 8.29
N ILE A 42 7.07 -11.98 7.46
CA ILE A 42 7.29 -12.18 6.03
C ILE A 42 8.75 -12.56 5.81
N PRO A 43 9.05 -13.58 5.01
CA PRO A 43 10.43 -14.01 4.84
C PRO A 43 11.31 -12.91 4.23
N ARG A 44 12.48 -12.72 4.82
CA ARG A 44 13.53 -11.87 4.27
C ARG A 44 14.53 -12.78 3.55
N LEU A 45 14.58 -12.67 2.23
CA LEU A 45 15.43 -13.54 1.42
C LEU A 45 16.21 -12.70 0.41
N SER A 46 17.21 -13.34 -0.19
CA SER A 46 17.93 -12.76 -1.31
C SER A 46 17.28 -13.19 -2.61
N GLN A 47 17.38 -12.33 -3.62
CA GLN A 47 16.79 -12.64 -4.91
C GLN A 47 17.38 -13.90 -5.54
N SER A 48 18.59 -14.28 -5.14
CA SER A 48 19.19 -15.51 -5.63
C SER A 48 18.62 -16.75 -4.97
N ASP A 49 17.96 -16.61 -3.83
CA ASP A 49 17.38 -17.75 -3.14
C ASP A 49 16.21 -18.30 -3.95
N PRO A 50 16.22 -19.59 -4.31
CA PRO A 50 15.07 -20.14 -5.05
C PRO A 50 13.77 -20.08 -4.28
N ARG A 51 13.81 -20.03 -2.95
CA ARG A 51 12.58 -19.92 -2.17
C ARG A 51 11.88 -18.60 -2.45
N ALA A 52 12.64 -17.52 -2.60
CA ALA A 52 12.05 -16.23 -2.97
C ALA A 52 11.36 -16.32 -4.32
N GLU A 53 11.96 -17.03 -5.27
CA GLU A 53 11.35 -17.22 -6.57
C GLU A 53 10.03 -18.00 -6.46
N GLU A 54 10.01 -19.01 -5.58
CA GLU A 54 8.80 -19.81 -5.42
C GLU A 54 7.70 -19.01 -4.73
N LEU A 55 8.06 -18.13 -3.80
CA LEU A 55 7.06 -17.32 -3.11
C LEU A 55 6.36 -16.38 -4.08
N ILE A 56 7.13 -15.70 -4.94
CA ILE A 56 6.54 -14.80 -5.93
C ILE A 56 5.68 -15.59 -6.90
N GLU A 57 6.13 -16.77 -7.29
CA GLU A 57 5.36 -17.60 -8.23
C GLU A 57 4.03 -18.00 -7.63
N ASN A 58 4.01 -18.37 -6.34
CA ASN A 58 2.78 -18.74 -5.65
C ASN A 58 2.01 -17.53 -5.15
N GLU A 59 2.44 -16.32 -5.51
CA GLU A 59 1.80 -15.08 -5.10
C GLU A 59 1.71 -14.98 -3.58
N GLU A 60 2.85 -15.15 -2.92
CA GLU A 60 2.99 -14.92 -1.49
C GLU A 60 3.99 -13.81 -1.25
N PRO A 61 3.81 -13.01 -0.19
CA PRO A 61 4.72 -11.88 0.04
C PRO A 61 6.12 -12.35 0.41
N VAL A 62 7.10 -11.55 0.01
CA VAL A 62 8.49 -11.82 0.34
C VAL A 62 9.25 -10.49 0.27
N VAL A 63 10.18 -10.32 1.19
CA VAL A 63 11.07 -9.16 1.20
C VAL A 63 12.40 -9.58 0.60
N LEU A 64 12.76 -8.97 -0.52
CA LEU A 64 14.04 -9.22 -1.16
C LEU A 64 15.03 -8.16 -0.70
N THR A 65 16.19 -8.60 -0.21
CA THR A 65 17.13 -7.70 0.45
C THR A 65 18.23 -7.17 -0.46
N ASP A 66 18.37 -7.69 -1.69
CA ASP A 66 19.55 -7.41 -2.48
C ASP A 66 19.23 -7.37 -3.97
N THR A 67 18.09 -6.78 -4.33
CA THR A 67 17.78 -6.66 -5.75
C THR A 67 18.59 -5.54 -6.41
N ASN A 68 19.03 -4.55 -5.63
CA ASN A 68 19.57 -3.31 -6.17
C ASN A 68 18.58 -2.65 -7.12
N LEU A 69 17.28 -2.83 -6.83
CA LEU A 69 16.25 -2.36 -7.74
C LEU A 69 16.29 -0.84 -7.89
N VAL A 70 16.33 -0.13 -6.77
CA VAL A 70 16.38 1.33 -6.81
C VAL A 70 17.70 1.79 -6.21
N TYR A 71 18.78 1.06 -6.52
CA TYR A 71 20.10 1.39 -5.97
C TYR A 71 20.52 2.84 -6.16
N PRO A 72 20.39 3.46 -7.35
CA PRO A 72 20.77 4.88 -7.45
C PRO A 72 19.85 5.81 -6.68
N ALA A 73 18.66 5.36 -6.29
CA ALA A 73 17.73 6.21 -5.56
C ALA A 73 18.03 6.26 -4.06
N LEU A 74 18.95 5.44 -3.57
CA LEU A 74 19.23 5.41 -2.13
C LEU A 74 19.91 6.69 -1.66
N LYS A 75 20.45 7.49 -2.57
CA LYS A 75 20.99 8.80 -2.21
C LYS A 75 19.93 9.89 -2.17
N TRP A 76 18.68 9.56 -2.49
CA TRP A 76 17.62 10.56 -2.51
C TRP A 76 17.30 11.05 -1.11
N ASP A 77 17.22 12.37 -0.97
CA ASP A 77 16.59 12.99 0.20
C ASP A 77 15.85 14.23 -0.29
N LEU A 78 15.38 15.04 0.65
CA LEU A 78 14.51 16.16 0.30
C LEU A 78 15.23 17.19 -0.59
N GLU A 79 16.46 17.56 -0.20
CA GLU A 79 17.13 18.64 -0.92
C GLU A 79 17.64 18.18 -2.27
N TYR A 80 18.11 16.93 -2.38
CA TYR A 80 18.54 16.42 -3.68
C TYR A 80 17.37 16.31 -4.64
N LEU A 81 16.21 15.88 -4.15
CA LEU A 81 15.03 15.78 -5.00
C LEU A 81 14.50 17.16 -5.37
N GLN A 82 14.55 18.11 -4.43
CA GLN A 82 14.00 19.44 -4.69
C GLN A 82 14.72 20.15 -5.84
N GLU A 83 16.03 19.92 -5.98
CA GLU A 83 16.80 20.59 -7.02
C GLU A 83 16.83 19.83 -8.34
N ASN A 84 16.35 18.58 -8.36
CA ASN A 84 16.47 17.74 -9.55
C ASN A 84 15.15 17.14 -10.05
N ILE A 85 14.12 17.03 -9.21
CA ILE A 85 12.90 16.38 -9.64
C ILE A 85 12.16 17.21 -10.69
N GLY A 86 12.52 18.48 -10.85
CA GLY A 86 11.82 19.36 -11.76
C GLY A 86 10.79 20.20 -11.03
N ASN A 87 9.93 20.84 -11.83
CA ASN A 87 8.90 21.75 -11.34
C ASN A 87 7.53 21.35 -11.87
N GLY A 88 7.23 20.06 -11.84
CA GLY A 88 5.89 19.58 -12.15
C GLY A 88 4.97 19.73 -10.95
N ASP A 89 3.75 19.24 -11.13
CA ASP A 89 2.75 19.26 -10.06
C ASP A 89 2.77 17.92 -9.34
N PHE A 90 2.80 17.97 -8.00
CA PHE A 90 2.87 16.78 -7.16
C PHE A 90 1.64 16.73 -6.26
N SER A 91 0.97 15.58 -6.26
CA SER A 91 -0.22 15.40 -5.42
C SER A 91 0.20 15.26 -3.96
N VAL A 92 -0.29 16.16 -3.12
CA VAL A 92 0.02 16.17 -1.69
C VAL A 92 -1.28 16.03 -0.93
N TYR A 93 -1.36 15.01 -0.07
CA TYR A 93 -2.54 14.73 0.72
C TYR A 93 -2.29 15.14 2.18
N SER A 94 -3.20 15.92 2.73
CA SER A 94 -3.13 16.37 4.11
C SER A 94 -4.10 15.58 4.97
N ALA A 95 -3.83 15.56 6.27
CA ALA A 95 -4.67 14.81 7.20
C ALA A 95 -4.55 15.42 8.59
N SER A 96 -5.69 15.51 9.29
CA SER A 96 -5.70 15.97 10.67
C SER A 96 -5.26 14.87 11.63
N THR A 97 -5.35 13.61 11.23
CA THR A 97 -4.94 12.47 12.04
C THR A 97 -3.82 11.73 11.33
N HIS A 98 -3.37 10.62 11.93
CA HIS A 98 -2.27 9.86 11.36
C HIS A 98 -2.72 8.90 10.27
N LYS A 99 -4.02 8.61 10.18
CA LYS A 99 -4.52 7.68 9.17
C LYS A 99 -4.95 8.46 7.93
N PHE A 100 -4.39 8.08 6.77
CA PHE A 100 -4.68 8.72 5.50
C PHE A 100 -5.67 7.84 4.73
N LEU A 101 -6.96 8.13 4.89
CA LEU A 101 -8.00 7.40 4.17
C LEU A 101 -8.19 8.04 2.79
N TYR A 102 -8.05 7.24 1.74
CA TYR A 102 -8.07 7.71 0.36
C TYR A 102 -9.47 7.58 -0.21
N TYR A 103 -9.78 8.48 -1.14
CA TYR A 103 -11.12 8.54 -1.72
C TYR A 103 -11.02 8.53 -3.24
N ASP A 104 -11.82 7.67 -3.87
CA ASP A 104 -12.02 7.74 -5.32
C ASP A 104 -12.93 8.92 -5.60
N GLU A 105 -12.36 9.99 -6.17
CA GLU A 105 -13.12 11.22 -6.39
C GLU A 105 -14.23 11.02 -7.42
N LYS A 106 -14.05 10.07 -8.35
CA LYS A 106 -15.10 9.79 -9.31
C LYS A 106 -16.33 9.19 -8.64
N LYS A 107 -16.12 8.39 -7.60
CA LYS A 107 -17.23 7.74 -6.90
C LYS A 107 -17.85 8.62 -5.83
N MET A 108 -17.29 9.80 -5.57
CA MET A 108 -17.84 10.68 -4.54
C MET A 108 -19.22 11.24 -4.89
N ALA A 109 -19.71 11.00 -6.11
CA ALA A 109 -21.05 11.43 -6.48
C ALA A 109 -22.11 10.47 -5.95
N ASN A 110 -21.79 9.18 -5.84
CA ASN A 110 -22.78 8.20 -5.42
C ASN A 110 -23.13 8.33 -3.94
N PHE A 111 -22.19 8.80 -3.12
CA PHE A 111 -22.35 8.87 -1.67
C PHE A 111 -22.15 10.32 -1.22
N GLN A 112 -23.26 11.04 -1.02
CA GLN A 112 -23.19 12.42 -0.57
C GLN A 112 -23.15 12.54 0.95
N ASN A 113 -23.82 11.64 1.67
CA ASN A 113 -23.89 11.70 3.13
C ASN A 113 -22.57 11.38 3.84
N PHE A 114 -21.45 11.28 3.13
CA PHE A 114 -20.14 11.08 3.73
C PHE A 114 -19.20 12.16 3.23
N LYS A 115 -18.33 12.65 4.13
CA LYS A 115 -17.46 13.75 3.82
C LYS A 115 -15.99 13.33 3.89
N PRO A 116 -15.14 13.91 3.05
CA PRO A 116 -13.72 13.53 3.06
C PRO A 116 -12.97 14.19 4.21
N ARG A 117 -11.88 13.52 4.62
CA ARG A 117 -11.05 13.98 5.72
C ARG A 117 -9.57 13.96 5.35
N SER A 118 -9.25 13.86 4.06
CA SER A 118 -7.86 13.91 3.58
C SER A 118 -7.90 14.45 2.15
N ASN A 119 -7.80 15.78 2.04
CA ASN A 119 -7.95 16.45 0.76
C ASN A 119 -6.64 16.52 0.00
N ARG A 120 -6.72 16.29 -1.31
CA ARG A 120 -5.57 16.39 -2.20
C ARG A 120 -5.28 17.86 -2.51
N GLU A 121 -4.02 18.15 -2.83
CA GLU A 121 -3.63 19.49 -3.23
C GLU A 121 -2.40 19.41 -4.11
N GLU A 122 -2.53 19.82 -5.37
CA GLU A 122 -1.38 19.88 -6.27
C GLU A 122 -0.49 21.06 -5.90
N MET A 123 0.82 20.86 -6.00
CA MET A 123 1.77 21.92 -5.67
C MET A 123 3.13 21.54 -6.24
N LYS A 124 4.04 22.51 -6.24
CA LYS A 124 5.41 22.28 -6.66
C LYS A 124 6.19 21.58 -5.56
N PHE A 125 7.23 20.86 -5.96
CA PHE A 125 8.01 20.08 -5.01
C PHE A 125 8.64 20.97 -3.94
N HIS A 126 9.10 22.17 -4.34
CA HIS A 126 9.67 23.09 -3.37
C HIS A 126 8.60 23.62 -2.41
N GLU A 127 7.35 23.71 -2.87
CA GLU A 127 6.27 24.10 -1.97
C GLU A 127 5.96 23.01 -0.95
N PHE A 128 6.09 21.74 -1.34
CA PHE A 128 5.89 20.65 -0.39
C PHE A 128 6.97 20.65 0.68
N VAL A 129 8.23 20.88 0.28
CA VAL A 129 9.30 20.96 1.26
C VAL A 129 9.13 22.19 2.15
N GLU A 130 8.64 23.29 1.57
CA GLU A 130 8.31 24.47 2.37
C GLU A 130 7.20 24.17 3.35
N LYS A 131 6.12 23.55 2.87
CA LYS A 131 4.97 23.25 3.73
C LYS A 131 5.37 22.31 4.86
N LEU A 132 6.29 21.38 4.58
CA LEU A 132 6.65 20.37 5.59
C LEU A 132 7.49 20.99 6.71
N GLN A 133 8.54 21.72 6.35
CA GLN A 133 9.44 22.27 7.37
C GLN A 133 8.73 23.31 8.23
N ASP A 134 7.73 24.00 7.68
CA ASP A 134 6.92 24.90 8.50
C ASP A 134 6.25 24.12 9.63
N ILE A 135 5.65 22.98 9.31
CA ILE A 135 4.96 22.17 10.32
C ILE A 135 5.90 21.76 11.44
N GLN A 136 7.18 21.54 11.11
CA GLN A 136 8.13 21.09 12.13
C GLN A 136 8.56 22.24 13.05
N GLN A 137 8.75 23.44 12.51
CA GLN A 137 9.06 24.59 13.35
C GLN A 137 7.82 25.05 14.10
N ARG A 138 6.69 25.21 13.39
CA ARG A 138 5.43 25.56 14.02
C ARG A 138 4.98 24.49 15.02
N GLY A 139 5.49 23.26 14.89
CA GLY A 139 5.12 22.21 15.82
C GLY A 139 3.71 21.70 15.66
N GLY A 140 3.09 21.92 14.50
CA GLY A 140 1.72 21.54 14.30
C GLY A 140 1.53 20.04 14.21
N GLU A 141 0.27 19.62 14.37
N GLU A 141 0.28 19.63 14.38
CA GLU A 141 -0.10 18.22 14.31
CA GLU A 141 -0.10 18.22 14.30
C GLU A 141 -0.48 17.78 12.90
C GLU A 141 -0.47 17.77 12.90
N GLU A 142 -0.56 18.70 11.94
CA GLU A 142 -0.95 18.35 10.58
C GLU A 142 0.12 17.51 9.92
N ARG A 143 -0.31 16.55 9.10
CA ARG A 143 0.57 15.64 8.40
C ARG A 143 0.34 15.73 6.91
N LEU A 144 1.39 15.47 6.13
CA LEU A 144 1.32 15.50 4.68
C LEU A 144 1.85 14.18 4.12
N TYR A 145 1.46 13.89 2.88
CA TYR A 145 1.91 12.67 2.22
C TYR A 145 1.97 12.93 0.72
N LEU A 146 3.18 13.08 0.19
CA LEU A 146 3.35 13.26 -1.25
C LEU A 146 3.23 11.91 -1.94
N GLN A 147 2.26 11.78 -2.83
CA GLN A 147 1.98 10.55 -3.56
C GLN A 147 1.75 10.93 -5.01
N GLN A 148 2.78 10.77 -5.85
CA GLN A 148 2.74 11.29 -7.22
C GLN A 148 3.37 10.28 -8.16
N THR A 149 2.61 9.88 -9.18
CA THR A 149 3.18 9.07 -10.26
C THR A 149 4.23 9.87 -10.99
N LEU A 150 5.41 9.28 -11.18
CA LEU A 150 6.54 9.98 -11.77
C LEU A 150 6.47 9.87 -13.29
N ASN A 151 6.57 11.01 -13.97
CA ASN A 151 6.41 11.10 -15.41
C ASN A 151 7.75 11.30 -16.10
N ASP A 152 7.77 12.16 -17.14
CA ASP A 152 9.01 12.57 -17.78
C ASP A 152 9.26 14.06 -17.67
N THR A 153 8.42 14.81 -16.94
CA THR A 153 8.67 16.21 -16.59
C THR A 153 9.71 16.33 -15.51
N VAL A 154 10.36 15.21 -15.25
CA VAL A 154 11.31 15.08 -14.16
C VAL A 154 12.71 15.35 -14.70
N GLY A 155 13.54 15.97 -13.86
CA GLY A 155 14.78 16.56 -14.32
C GLY A 155 15.82 15.55 -14.76
N ARG A 156 16.97 16.10 -15.17
CA ARG A 156 18.03 15.31 -15.78
C ARG A 156 18.52 14.22 -14.84
N LYS A 157 18.96 14.60 -13.64
CA LYS A 157 19.61 13.66 -12.74
C LYS A 157 18.66 12.57 -12.27
N ILE A 158 17.36 12.87 -12.17
CA ILE A 158 16.42 11.83 -11.73
C ILE A 158 16.12 10.87 -12.87
N VAL A 159 16.09 11.35 -14.11
CA VAL A 159 15.98 10.45 -15.26
C VAL A 159 17.19 9.52 -15.30
N MET A 160 18.38 10.05 -15.03
CA MET A 160 19.58 9.22 -14.97
C MET A 160 19.49 8.21 -13.84
N ASP A 161 18.99 8.64 -12.68
CA ASP A 161 18.80 7.71 -11.57
C ASP A 161 17.80 6.61 -11.94
N PHE A 162 16.71 6.98 -12.63
CA PHE A 162 15.75 5.98 -13.08
C PHE A 162 16.39 4.99 -14.03
N LEU A 163 17.28 5.47 -14.91
CA LEU A 163 18.00 4.58 -15.81
C LEU A 163 18.90 3.61 -15.06
N GLY A 164 19.30 3.96 -13.84
CA GLY A 164 20.12 3.10 -13.03
C GLY A 164 19.38 2.03 -12.25
N PHE A 165 18.07 1.97 -12.38
CA PHE A 165 17.32 0.92 -11.69
C PHE A 165 17.64 -0.43 -12.32
N ASN A 166 17.51 -1.48 -11.50
CA ASN A 166 17.79 -2.84 -11.95
C ASN A 166 16.63 -3.34 -12.81
N TRP A 167 16.55 -2.77 -14.02
CA TRP A 167 15.51 -3.18 -14.95
C TRP A 167 15.69 -4.61 -15.41
N ASN A 168 16.93 -5.11 -15.40
CA ASN A 168 17.17 -6.49 -15.78
C ASN A 168 16.42 -7.45 -14.87
N TRP A 169 16.49 -7.21 -13.56
CA TRP A 169 15.86 -8.14 -12.61
C TRP A 169 14.35 -8.04 -12.67
N ILE A 170 13.81 -6.81 -12.69
CA ILE A 170 12.36 -6.67 -12.59
C ILE A 170 11.68 -7.01 -13.92
N ASN A 171 12.36 -6.84 -15.05
CA ASN A 171 11.76 -7.21 -16.33
C ASN A 171 11.63 -8.72 -16.46
N LYS A 172 12.61 -9.47 -15.97
CA LYS A 172 12.51 -10.93 -16.04
C LYS A 172 11.53 -11.47 -15.02
N GLN A 173 11.35 -10.76 -13.89
CA GLN A 173 10.25 -11.10 -13.00
C GLN A 173 8.90 -10.90 -13.68
N GLN A 174 8.76 -9.81 -14.44
CA GLN A 174 7.54 -9.60 -15.22
C GLN A 174 7.35 -10.71 -16.24
N GLY A 175 8.43 -11.13 -16.89
CA GLY A 175 8.31 -12.14 -17.92
C GLY A 175 8.00 -13.52 -17.37
N LYS A 176 8.74 -13.94 -16.33
CA LYS A 176 8.56 -15.28 -15.79
C LYS A 176 7.21 -15.48 -15.13
N ARG A 177 6.57 -14.41 -14.66
CA ARG A 177 5.25 -14.52 -14.04
C ARG A 177 4.11 -14.32 -15.04
N GLY A 178 4.43 -14.01 -16.30
CA GLY A 178 3.39 -13.72 -17.27
C GLY A 178 2.58 -12.48 -16.98
N TRP A 179 3.15 -11.55 -16.20
CA TRP A 179 2.42 -10.34 -15.83
C TRP A 179 2.17 -9.46 -17.05
N GLY A 180 1.25 -8.51 -16.88
CA GLY A 180 1.02 -7.50 -17.88
C GLY A 180 2.11 -6.45 -17.88
N GLN A 181 1.80 -5.26 -18.37
CA GLN A 181 2.82 -4.22 -18.46
C GLN A 181 2.93 -3.44 -17.15
N LEU A 182 4.07 -2.76 -17.00
CA LEU A 182 4.26 -1.84 -15.90
C LEU A 182 3.34 -0.64 -16.08
N THR A 183 2.40 -0.45 -15.15
CA THR A 183 1.41 0.59 -15.32
C THR A 183 1.92 1.95 -14.85
N SER A 184 2.57 1.99 -13.68
CA SER A 184 3.03 3.27 -13.17
C SER A 184 4.10 3.06 -12.11
N ASN A 185 4.90 4.10 -11.90
CA ASN A 185 5.83 4.20 -10.79
C ASN A 185 5.34 5.33 -9.88
N LEU A 186 4.96 4.98 -8.66
CA LEU A 186 4.44 5.94 -7.70
C LEU A 186 5.53 6.30 -6.69
N LEU A 187 5.94 7.57 -6.68
CA LEU A 187 6.86 8.08 -5.67
C LEU A 187 6.08 8.53 -4.44
N LEU A 188 6.61 8.20 -3.25
CA LEU A 188 5.91 8.42 -2.00
C LEU A 188 6.87 8.97 -0.96
N ILE A 189 6.58 10.16 -0.46
CA ILE A 189 7.33 10.79 0.61
C ILE A 189 6.33 11.12 1.72
N GLY A 190 6.57 10.56 2.91
CA GLY A 190 5.66 10.75 4.01
C GLY A 190 6.37 11.20 5.26
N MET A 191 5.58 11.70 6.20
CA MET A 191 6.09 12.10 7.51
C MET A 191 6.04 10.92 8.47
N GLU A 192 6.85 11.01 9.51
CA GLU A 192 6.88 9.94 10.52
C GLU A 192 5.52 9.79 11.17
N GLY A 193 5.15 8.53 11.44
CA GLY A 193 3.85 8.23 11.99
C GLY A 193 2.72 8.14 11.00
N ASN A 194 2.93 8.54 9.75
CA ASN A 194 1.89 8.47 8.75
C ASN A 194 1.44 7.02 8.56
N VAL A 195 0.13 6.82 8.44
CA VAL A 195 -0.44 5.48 8.35
C VAL A 195 -1.30 5.40 7.10
N THR A 196 -1.13 4.32 6.33
CA THR A 196 -2.02 4.06 5.22
C THR A 196 -2.90 2.87 5.58
N PRO A 197 -4.18 3.06 5.89
CA PRO A 197 -5.00 1.98 6.44
C PRO A 197 -5.13 0.82 5.47
N ALA A 198 -5.53 -0.33 6.03
CA ALA A 198 -5.55 -1.58 5.28
C ALA A 198 -6.44 -1.48 4.04
N HIS A 199 -5.92 -1.96 2.93
CA HIS A 199 -6.64 -2.02 1.67
C HIS A 199 -5.93 -3.04 0.79
N TYR A 200 -6.56 -3.37 -0.34
CA TYR A 200 -5.97 -4.25 -1.32
C TYR A 200 -5.98 -3.58 -2.69
N ASP A 201 -4.99 -3.93 -3.51
CA ASP A 201 -4.89 -3.46 -4.87
C ASP A 201 -5.12 -4.62 -5.83
N GLU A 202 -5.48 -4.29 -7.05
CA GLU A 202 -5.75 -5.27 -8.09
C GLU A 202 -4.56 -5.50 -9.01
N GLN A 203 -3.40 -4.95 -8.67
CA GLN A 203 -2.19 -5.12 -9.46
C GLN A 203 -1.08 -5.70 -8.59
N GLN A 204 -0.13 -6.36 -9.24
CA GLN A 204 1.07 -6.83 -8.58
C GLN A 204 1.98 -5.65 -8.27
N ASN A 205 2.57 -5.66 -7.08
CA ASN A 205 3.33 -4.51 -6.59
C ASN A 205 4.70 -4.94 -6.09
N PHE A 206 5.74 -4.27 -6.60
CA PHE A 206 7.08 -4.37 -6.05
C PHE A 206 7.35 -3.07 -5.29
N PHE A 207 7.44 -3.20 -3.97
CA PHE A 207 7.44 -2.08 -3.04
C PHE A 207 8.87 -1.78 -2.62
N ALA A 208 9.48 -0.77 -3.24
CA ALA A 208 10.92 -0.53 -3.13
C ALA A 208 11.17 0.60 -2.14
N GLN A 209 11.64 0.25 -0.94
CA GLN A 209 11.91 1.22 0.10
C GLN A 209 13.25 1.91 -0.17
N ILE A 210 13.30 3.21 0.14
CA ILE A 210 14.44 4.04 -0.23
C ILE A 210 15.02 4.74 0.99
N LYS A 211 14.19 5.49 1.70
CA LYS A 211 14.62 6.26 2.87
C LYS A 211 13.65 5.98 4.02
N GLY A 212 14.19 5.89 5.22
CA GLY A 212 13.37 5.59 6.38
C GLY A 212 12.87 4.16 6.38
N TYR A 213 12.05 3.84 7.37
CA TYR A 213 11.57 2.50 7.59
C TYR A 213 10.04 2.49 7.62
N LYS A 214 9.46 1.44 7.05
CA LYS A 214 8.01 1.28 7.00
C LYS A 214 7.64 -0.12 7.47
N ARG A 215 6.71 -0.18 8.41
CA ARG A 215 6.15 -1.46 8.87
C ARG A 215 4.96 -1.81 7.99
N CYS A 216 5.04 -2.96 7.32
CA CYS A 216 4.00 -3.41 6.41
C CYS A 216 3.30 -4.63 6.99
N ILE A 217 2.00 -4.50 7.23
CA ILE A 217 1.17 -5.59 7.75
C ILE A 217 0.26 -6.05 6.63
N LEU A 218 0.41 -7.31 6.22
CA LEU A 218 -0.32 -7.87 5.10
C LEU A 218 -1.28 -8.95 5.57
N PHE A 219 -2.41 -9.07 4.86
CA PHE A 219 -3.41 -10.08 5.13
C PHE A 219 -3.73 -10.80 3.81
N PRO A 220 -3.76 -12.13 3.79
CA PRO A 220 -4.03 -12.85 2.55
C PRO A 220 -5.46 -12.61 2.07
N PRO A 221 -5.75 -12.88 0.79
CA PRO A 221 -7.09 -12.59 0.27
C PRO A 221 -8.21 -13.38 0.94
N ASP A 222 -7.92 -14.54 1.55
CA ASP A 222 -8.97 -15.36 2.14
C ASP A 222 -9.50 -14.80 3.46
N GLN A 223 -8.92 -13.70 3.95
CA GLN A 223 -9.42 -13.02 5.14
C GLN A 223 -10.30 -11.83 4.78
N PHE A 224 -10.87 -11.84 3.58
CA PHE A 224 -11.88 -10.86 3.18
C PHE A 224 -12.98 -10.73 4.22
N GLU A 225 -13.44 -11.86 4.75
CA GLU A 225 -14.54 -11.85 5.73
C GLU A 225 -14.17 -11.08 6.99
N CYS A 226 -12.88 -11.04 7.34
CA CYS A 226 -12.42 -10.44 8.57
C CYS A 226 -12.12 -8.95 8.47
N LEU A 227 -12.09 -8.39 7.26
CA LEU A 227 -11.63 -7.02 7.05
C LEU A 227 -12.69 -6.08 6.52
N TYR A 228 -13.82 -6.58 6.03
CA TYR A 228 -15.01 -5.78 5.73
C TYR A 228 -14.73 -4.57 4.85
N PRO A 229 -14.44 -4.76 3.56
CA PRO A 229 -14.20 -3.61 2.69
C PRO A 229 -15.48 -2.83 2.45
N TYR A 230 -15.31 -1.54 2.15
CA TYR A 230 -16.42 -0.67 1.79
C TYR A 230 -17.14 -1.23 0.57
N PRO A 231 -18.38 -0.82 0.31
CA PRO A 231 -19.02 -1.21 -0.95
C PRO A 231 -18.19 -0.77 -2.15
N VAL A 232 -18.27 -1.56 -3.22
CA VAL A 232 -17.47 -1.29 -4.41
C VAL A 232 -17.73 0.12 -4.94
N HIS A 233 -18.97 0.59 -4.84
CA HIS A 233 -19.31 1.93 -5.32
C HIS A 233 -18.96 3.03 -4.33
N HIS A 234 -18.57 2.70 -3.11
CA HIS A 234 -18.18 3.72 -2.15
C HIS A 234 -16.83 4.32 -2.54
N PRO A 235 -16.63 5.62 -2.30
CA PRO A 235 -15.32 6.23 -2.62
C PRO A 235 -14.13 5.55 -1.96
N CYS A 236 -14.32 4.94 -0.78
CA CYS A 236 -13.27 4.19 -0.10
C CYS A 236 -13.24 2.73 -0.52
N ASP A 237 -13.69 2.43 -1.74
CA ASP A 237 -13.64 1.09 -2.30
C ASP A 237 -12.25 0.48 -2.13
N ARG A 238 -12.22 -0.80 -1.77
CA ARG A 238 -11.05 -1.66 -1.57
C ARG A 238 -10.36 -1.41 -0.22
N GLN A 239 -10.84 -0.48 0.60
CA GLN A 239 -10.27 -0.24 1.92
C GLN A 239 -11.12 -0.89 3.00
N SER A 240 -10.47 -1.27 4.10
CA SER A 240 -11.19 -1.87 5.21
C SER A 240 -11.98 -0.81 5.98
N GLN A 241 -13.21 -1.16 6.37
CA GLN A 241 -14.01 -0.29 7.22
C GLN A 241 -13.54 -0.30 8.67
N VAL A 242 -12.68 -1.25 9.05
CA VAL A 242 -12.31 -1.43 10.44
C VAL A 242 -11.25 -0.40 10.82
N ASP A 243 -11.50 0.30 11.93
CA ASP A 243 -10.50 1.18 12.53
C ASP A 243 -9.54 0.31 13.33
N PHE A 244 -8.32 0.13 12.81
CA PHE A 244 -7.33 -0.71 13.49
C PHE A 244 -6.98 -0.19 14.88
N ASP A 245 -7.18 1.10 15.13
CA ASP A 245 -6.92 1.66 16.45
C ASP A 245 -8.10 1.46 17.40
N ASN A 246 -9.32 1.43 16.87
CA ASN A 246 -10.54 1.29 17.68
C ASN A 246 -11.51 0.38 16.93
N PRO A 247 -11.20 -0.92 16.85
CA PRO A 247 -12.04 -1.82 16.04
C PRO A 247 -13.40 -2.04 16.69
N ASP A 248 -14.44 -1.94 15.88
CA ASP A 248 -15.83 -2.12 16.33
C ASP A 248 -16.17 -3.60 16.15
N TYR A 249 -15.98 -4.38 17.21
CA TYR A 249 -16.25 -5.81 17.16
C TYR A 249 -17.74 -6.13 17.02
N GLU A 250 -18.61 -5.17 17.34
CA GLU A 250 -20.04 -5.39 17.14
C GLU A 250 -20.39 -5.36 15.66
N ARG A 251 -19.86 -4.37 14.92
CA ARG A 251 -20.10 -4.32 13.48
C ARG A 251 -19.22 -5.30 12.72
N PHE A 252 -18.02 -5.58 13.23
CA PHE A 252 -17.01 -6.36 12.52
C PHE A 252 -16.52 -7.51 13.38
N PRO A 253 -17.40 -8.49 13.67
CA PRO A 253 -17.02 -9.54 14.63
C PRO A 253 -15.86 -10.41 14.18
N ASN A 254 -15.71 -10.65 12.87
CA ASN A 254 -14.65 -11.53 12.40
C ASN A 254 -13.28 -10.86 12.36
N PHE A 255 -13.20 -9.57 12.68
CA PHE A 255 -11.89 -8.94 12.83
C PHE A 255 -11.14 -9.51 14.02
N GLN A 256 -11.84 -10.13 14.97
CA GLN A 256 -11.21 -10.86 16.06
C GLN A 256 -10.50 -12.13 15.59
N ASN A 257 -10.65 -12.51 14.33
CA ASN A 257 -10.01 -13.69 13.77
C ASN A 257 -8.89 -13.36 12.80
N VAL A 258 -8.59 -12.07 12.59
CA VAL A 258 -7.64 -11.68 11.56
C VAL A 258 -6.22 -11.99 12.02
N VAL A 259 -5.42 -12.51 11.09
CA VAL A 259 -4.01 -12.81 11.34
C VAL A 259 -3.19 -12.21 10.20
N GLY A 260 -2.19 -11.41 10.54
CA GLY A 260 -1.42 -10.69 9.57
C GLY A 260 -0.04 -11.25 9.33
N TYR A 261 0.54 -10.85 8.20
CA TYR A 261 1.96 -11.04 7.91
C TYR A 261 2.65 -9.68 8.01
N GLU A 262 3.74 -9.62 8.76
CA GLU A 262 4.34 -8.37 9.15
C GLU A 262 5.83 -8.32 8.82
N THR A 263 6.30 -7.14 8.45
CA THR A 263 7.71 -6.90 8.23
C THR A 263 7.98 -5.40 8.30
N VAL A 264 9.26 -5.06 8.51
CA VAL A 264 9.73 -3.68 8.44
C VAL A 264 10.77 -3.58 7.34
N VAL A 265 10.49 -2.77 6.33
CA VAL A 265 11.39 -2.60 5.20
C VAL A 265 12.23 -1.34 5.40
N GLY A 266 13.51 -1.42 5.04
CA GLY A 266 14.38 -0.28 5.10
C GLY A 266 14.98 0.00 3.73
N PRO A 267 15.94 0.93 3.68
CA PRO A 267 16.59 1.26 2.40
C PRO A 267 17.20 0.03 1.74
N GLY A 268 16.89 -0.14 0.45
CA GLY A 268 17.37 -1.29 -0.30
C GLY A 268 16.46 -2.49 -0.27
N ASP A 269 15.47 -2.53 0.63
CA ASP A 269 14.54 -3.65 0.67
C ASP A 269 13.44 -3.47 -0.37
N VAL A 270 12.97 -4.60 -0.90
CA VAL A 270 11.87 -4.64 -1.86
C VAL A 270 10.86 -5.65 -1.36
N LEU A 271 9.65 -5.20 -1.06
CA LEU A 271 8.58 -6.06 -0.59
C LEU A 271 7.63 -6.37 -1.75
N TYR A 272 7.44 -7.65 -2.03
CA TYR A 272 6.47 -8.08 -3.03
C TYR A 272 5.11 -8.17 -2.38
N ILE A 273 4.21 -7.25 -2.73
CA ILE A 273 2.84 -7.30 -2.26
C ILE A 273 2.00 -7.97 -3.34
N PRO A 274 1.59 -9.22 -3.17
CA PRO A 274 0.85 -9.92 -4.22
C PRO A 274 -0.51 -9.28 -4.46
N MET A 275 -0.97 -9.42 -5.70
CA MET A 275 -2.28 -8.92 -6.11
C MET A 275 -3.36 -9.43 -5.16
N TYR A 276 -4.24 -8.51 -4.75
CA TYR A 276 -5.39 -8.73 -3.86
C TYR A 276 -5.00 -8.96 -2.40
N TRP A 277 -3.73 -8.84 -2.04
CA TRP A 277 -3.34 -8.97 -0.65
C TRP A 277 -3.56 -7.66 0.08
N TRP A 278 -4.28 -7.72 1.21
CA TRP A 278 -4.43 -6.54 2.04
C TRP A 278 -3.07 -6.07 2.55
N HIS A 279 -2.90 -4.76 2.70
CA HIS A 279 -1.68 -4.24 3.31
C HIS A 279 -1.96 -2.95 4.06
N HIS A 280 -1.39 -2.86 5.25
CA HIS A 280 -1.44 -1.69 6.12
C HIS A 280 -0.02 -1.20 6.31
N ILE A 281 0.25 0.03 5.88
CA ILE A 281 1.59 0.59 5.87
C ILE A 281 1.64 1.75 6.85
N GLU A 282 2.69 1.78 7.67
CA GLU A 282 2.90 2.88 8.61
C GLU A 282 4.36 3.27 8.61
N SER A 283 4.61 4.58 8.51
CA SER A 283 5.96 5.11 8.67
C SER A 283 6.29 5.18 10.15
N LEU A 284 7.45 4.64 10.52
CA LEU A 284 7.77 4.43 11.92
C LEU A 284 7.72 5.73 12.71
N LEU A 285 7.13 5.67 13.90
CA LEU A 285 7.10 6.80 14.81
C LEU A 285 8.51 7.29 15.09
N ASN A 286 8.70 8.60 15.01
CA ASN A 286 9.99 9.25 15.27
C ASN A 286 11.10 8.74 14.36
N GLY A 287 10.75 8.16 13.22
CA GLY A 287 11.72 7.63 12.30
C GLY A 287 12.14 8.54 11.17
N GLY A 288 11.62 9.76 11.14
CA GLY A 288 11.94 10.69 10.07
C GLY A 288 11.00 10.53 8.90
N ILE A 289 11.40 11.14 7.79
CA ILE A 289 10.64 11.02 6.55
C ILE A 289 10.90 9.66 5.91
N THR A 290 9.92 9.17 5.16
CA THR A 290 10.05 7.92 4.43
C THR A 290 9.94 8.19 2.94
N ILE A 291 10.70 7.44 2.15
CA ILE A 291 10.69 7.55 0.70
C ILE A 291 10.56 6.15 0.13
N THR A 292 9.62 5.98 -0.80
CA THR A 292 9.35 4.69 -1.43
C THR A 292 8.98 4.93 -2.88
N VAL A 293 9.31 3.95 -3.73
CA VAL A 293 8.85 3.91 -5.11
C VAL A 293 8.15 2.57 -5.34
N ASN A 294 6.93 2.63 -5.86
CA ASN A 294 6.16 1.44 -6.16
C ASN A 294 6.27 1.10 -7.64
N PHE A 295 6.23 -0.20 -7.94
CA PHE A 295 6.18 -0.71 -9.30
C PHE A 295 4.91 -1.53 -9.42
N TRP A 296 3.98 -1.08 -10.26
CA TRP A 296 2.71 -1.76 -10.47
C TRP A 296 2.76 -2.52 -11.79
N TYR A 297 2.33 -3.78 -11.76
CA TYR A 297 2.19 -4.60 -12.96
C TYR A 297 0.79 -5.18 -13.01
N LYS A 298 0.14 -5.07 -14.16
CA LYS A 298 -1.12 -5.76 -14.37
C LYS A 298 -0.88 -7.26 -14.26
N GLY A 299 -1.75 -7.94 -13.51
CA GLY A 299 -1.57 -9.37 -13.29
C GLY A 299 -1.64 -10.17 -14.57
N ALA A 300 -1.26 -11.44 -14.45
CA ALA A 300 -1.35 -12.33 -15.58
C ALA A 300 -2.81 -12.58 -15.95
N PRO A 301 -3.12 -12.69 -17.24
CA PRO A 301 -4.51 -12.93 -17.65
C PRO A 301 -5.02 -14.26 -17.12
N THR A 302 -6.33 -14.30 -16.88
CA THR A 302 -6.95 -15.48 -16.30
C THR A 302 -6.74 -16.68 -17.22
N PRO A 303 -6.47 -17.87 -16.67
CA PRO A 303 -6.11 -19.02 -17.51
C PRO A 303 -7.23 -19.43 -18.45
N LYS A 304 -6.88 -20.31 -19.38
CA LYS A 304 -7.81 -20.79 -20.40
C LYS A 304 -9.04 -21.44 -19.79
N ARG A 305 -8.87 -22.60 -19.17
CA ARG A 305 -9.94 -23.29 -18.47
C ARG A 305 -9.79 -23.08 -16.97
N ILE A 306 -10.91 -22.81 -16.30
CA ILE A 306 -10.87 -22.50 -14.88
C ILE A 306 -10.62 -23.77 -14.08
N GLU A 307 -9.69 -23.69 -13.13
CA GLU A 307 -9.39 -24.79 -12.23
C GLU A 307 -10.17 -24.61 -10.93
N TYR A 308 -10.78 -25.68 -10.45
CA TYR A 308 -11.54 -25.64 -9.22
C TYR A 308 -10.85 -26.44 -8.13
N PRO A 309 -10.94 -26.02 -6.85
CA PRO A 309 -11.73 -24.88 -6.37
C PRO A 309 -11.13 -23.53 -6.72
N LEU A 310 -11.97 -22.49 -6.74
CA LEU A 310 -11.50 -21.15 -7.07
C LEU A 310 -10.56 -20.65 -5.99
N LYS A 311 -9.50 -19.95 -6.41
CA LYS A 311 -8.66 -19.25 -5.46
C LYS A 311 -9.44 -18.12 -4.80
N ALA A 312 -8.97 -17.71 -3.62
CA ALA A 312 -9.70 -16.71 -2.85
C ALA A 312 -9.80 -15.38 -3.61
N HIS A 313 -8.73 -14.98 -4.30
CA HIS A 313 -8.76 -13.71 -5.01
C HIS A 313 -9.67 -13.75 -6.23
N GLN A 314 -9.99 -14.96 -6.73
CA GLN A 314 -10.99 -15.05 -7.79
C GLN A 314 -12.41 -14.85 -7.23
N LYS A 315 -12.66 -15.34 -6.01
CA LYS A 315 -13.94 -15.08 -5.37
C LYS A 315 -14.11 -13.60 -5.04
N VAL A 316 -13.03 -12.94 -4.63
CA VAL A 316 -13.09 -11.49 -4.43
C VAL A 316 -13.41 -10.80 -5.74
N ALA A 317 -12.75 -11.21 -6.82
CA ALA A 317 -13.05 -10.65 -8.14
C ALA A 317 -14.49 -10.91 -8.53
N ILE A 318 -15.02 -12.10 -8.19
CA ILE A 318 -16.41 -12.40 -8.49
C ILE A 318 -17.33 -11.48 -7.70
N MET A 319 -17.03 -11.24 -6.42
CA MET A 319 -17.88 -10.40 -5.59
C MET A 319 -17.87 -8.95 -6.06
N ARG A 320 -16.71 -8.48 -6.54
CA ARG A 320 -16.65 -7.12 -7.09
C ARG A 320 -17.54 -6.99 -8.32
N ASN A 321 -17.49 -7.99 -9.21
CA ASN A 321 -18.28 -7.91 -10.44
C ASN A 321 -19.78 -7.94 -10.16
N ILE A 322 -20.19 -8.70 -9.14
CA ILE A 322 -21.62 -8.74 -8.80
C ILE A 322 -22.09 -7.37 -8.33
N GLU A 323 -21.30 -6.71 -7.49
CA GLU A 323 -21.67 -5.38 -7.01
C GLU A 323 -21.70 -4.37 -8.14
N LYS A 324 -20.75 -4.46 -9.07
CA LYS A 324 -20.77 -3.56 -10.23
C LYS A 324 -21.99 -3.82 -11.10
N MET A 325 -22.26 -5.10 -11.40
CA MET A 325 -23.38 -5.45 -12.26
C MET A 325 -24.70 -4.94 -11.69
N LEU A 326 -24.95 -5.20 -10.41
CA LEU A 326 -26.18 -4.73 -9.78
C LEU A 326 -26.27 -3.21 -9.81
N GLY A 327 -25.14 -2.52 -9.67
CA GLY A 327 -25.15 -1.07 -9.74
C GLY A 327 -25.62 -0.56 -11.09
N GLU A 328 -25.17 -1.20 -12.17
CA GLU A 328 -25.60 -0.80 -13.50
C GLU A 328 -27.01 -1.27 -13.80
N ALA A 329 -27.36 -2.47 -13.35
CA ALA A 329 -28.67 -3.04 -13.67
C ALA A 329 -29.79 -2.29 -12.96
N LEU A 330 -29.56 -1.90 -11.71
CA LEU A 330 -30.57 -1.17 -10.95
C LEU A 330 -30.59 0.32 -11.25
N GLY A 331 -29.61 0.82 -12.01
CA GLY A 331 -29.55 2.23 -12.35
C GLY A 331 -29.12 3.15 -11.22
N ASN A 332 -28.89 2.62 -10.03
CA ASN A 332 -28.50 3.41 -8.87
C ASN A 332 -27.68 2.54 -7.91
N PRO A 333 -26.41 2.89 -7.67
CA PRO A 333 -25.59 2.07 -6.76
C PRO A 333 -26.14 1.97 -5.36
N GLN A 334 -27.02 2.88 -4.95
CA GLN A 334 -27.54 2.86 -3.59
C GLN A 334 -28.56 1.75 -3.37
N GLU A 335 -29.11 1.19 -4.44
CA GLU A 335 -30.08 0.10 -4.34
C GLU A 335 -29.43 -1.28 -4.27
N VAL A 336 -28.10 -1.35 -4.41
CA VAL A 336 -27.42 -2.65 -4.37
C VAL A 336 -27.63 -3.33 -3.02
N GLY A 337 -27.46 -2.58 -1.94
CA GLY A 337 -27.59 -3.11 -0.60
C GLY A 337 -28.95 -3.75 -0.32
N PRO A 338 -30.01 -2.95 -0.40
CA PRO A 338 -31.36 -3.52 -0.19
C PRO A 338 -31.68 -4.70 -1.09
N LEU A 339 -31.24 -4.67 -2.35
CA LEU A 339 -31.45 -5.81 -3.23
C LEU A 339 -30.72 -7.04 -2.71
N LEU A 340 -29.46 -6.86 -2.27
CA LEU A 340 -28.69 -7.98 -1.76
C LEU A 340 -29.29 -8.54 -0.47
N ASN A 341 -29.76 -7.66 0.41
CA ASN A 341 -30.39 -8.13 1.65
C ASN A 341 -31.68 -8.88 1.36
N THR A 342 -32.49 -8.35 0.45
CA THR A 342 -33.71 -9.05 0.03
C THR A 342 -33.38 -10.45 -0.50
N MET A 343 -32.21 -10.60 -1.11
CA MET A 343 -31.89 -11.86 -1.77
C MET A 343 -31.53 -12.96 -0.75
N ILE A 344 -30.89 -12.59 0.36
CA ILE A 344 -30.31 -13.58 1.26
C ILE A 344 -31.16 -13.75 2.52
N LYS A 345 -31.84 -12.70 2.95
CA LYS A 345 -32.53 -12.74 4.24
C LYS A 345 -33.60 -13.82 4.25
N GLY A 346 -33.42 -14.78 5.15
CA GLY A 346 -34.35 -15.91 5.23
C GLY A 346 -34.24 -16.91 4.12
N ARG A 347 -33.28 -16.75 3.20
CA ARG A 347 -33.08 -17.66 2.08
C ARG A 347 -31.69 -18.28 2.05
N TYR A 348 -30.65 -17.53 2.41
CA TYR A 348 -29.30 -18.05 2.42
C TYR A 348 -28.56 -17.85 3.74
N ASN A 349 -29.17 -17.17 4.72
CA ASN A 349 -28.49 -16.95 6.00
C ASN A 349 -29.19 -17.68 7.15
S SO4 B . -1.78 11.64 15.77
O1 SO4 B . -2.39 11.80 14.46
O2 SO4 B . -1.99 12.86 16.57
O3 SO4 B . -2.39 10.51 16.46
O4 SO4 B . -0.35 11.41 15.61
S SO4 C . -13.55 -15.91 0.76
O1 SO4 C . -14.57 -15.72 -0.27
O2 SO4 C . -13.51 -14.75 1.64
O3 SO4 C . -13.87 -17.11 1.55
O4 SO4 C . -12.25 -16.10 0.13
S SO4 D . -13.73 0.10 -10.26
O1 SO4 D . -14.46 0.27 -11.52
O2 SO4 D . -14.64 0.32 -9.14
O3 SO4 D . -13.17 -1.25 -10.19
O4 SO4 D . -12.64 1.07 -10.20
C10 A1L4V E . -3.68 5.48 -4.88
C10 A1L4V E . -3.88 5.35 -4.95
N12 A1L4V E . -2.88 3.12 -4.08
N12 A1L4V E . -2.94 3.06 -4.11
C15 A1L4V E . -4.94 2.80 -7.03
C15 A1L4V E . -3.14 1.49 -7.46
C20 A1L4V E . -2.09 2.41 -3.05
C20 A1L4V E . -2.12 2.39 -3.10
C24 A1L4V E . 2.38 3.70 -1.01
C24 A1L4V E . 2.45 3.66 -0.99
C26 A1L4V E . 2.41 3.25 1.36
C26 A1L4V E . 2.41 3.24 1.41
C02 A1L4V E . -0.57 2.17 -0.97
C02 A1L4V E . -0.61 2.27 -1.00
C03 A1L4V E . -1.36 3.10 -1.97
C03 A1L4V E . -1.41 3.14 -2.02
C04 A1L4V E . -1.47 4.56 -1.96
C04 A1L4V E . -1.62 4.58 -2.00
C06 A1L4V E . -2.28 5.30 -2.99
C06 A1L4V E . -2.47 5.30 -3.04
C07 A1L4V E . -2.29 6.67 -2.82
C07 A1L4V E . -2.57 6.69 -2.91
C08 A1L4V E . -3.00 7.48 -3.70
C08 A1L4V E . -3.33 7.42 -3.81
C09 A1L4V E . -3.70 6.87 -4.74
C09 A1L4V E . -3.99 6.74 -4.85
C11 A1L4V E . -2.97 4.66 -4.01
C11 A1L4V E . -3.12 4.60 -4.06
C14 A1L4V E . -3.54 2.54 -6.41
C14 A1L4V E . -3.27 2.57 -6.38
C16 A1L4V E . -5.72 3.90 -6.62
C16 A1L4V E . -2.06 1.54 -8.35
C18 A1L4V E . -6.72 2.48 -8.46
C18 A1L4V E . -3.73 -0.36 -8.72
C23 A1L4V E . 1.49 3.58 0.22
C23 A1L4V E . 1.54 3.56 0.22
C25 A1L4V E . 0.98 4.90 0.79
C25 A1L4V E . 1.07 4.95 0.64
N19 A1L4V E . -5.51 2.06 -8.04
N19 A1L4V E . -4.03 0.47 -7.70
N22 A1L4V E . 0.57 2.46 -0.05
N22 A1L4V E . 0.56 2.48 -0.08
O01 A1L4V E . -0.94 1.02 -0.89
O01 A1L4V E . -1.04 1.17 -0.87
O05 A1L4V E . -0.92 5.44 -1.06
O05 A1L4V E . -1.05 5.40 -1.05
O13 A1L4V E . -3.54 2.26 -5.02
O13 A1L4V E . -3.51 2.16 -5.06
O21 A1L4V E . -2.08 1.25 -3.17
O21 A1L4V E . -2.04 1.22 -3.21
O27 A1L4V E . 2.25 3.78 2.48
O27 A1L4V E . 2.14 3.74 2.54
O28 A1L4V E . 3.37 2.48 1.20
O28 A1L4V E . 3.43 2.53 1.28
S17 A1L4V E . -7.12 3.86 -7.57
S17 A1L4V E . -2.29 0.22 -9.39
ZN ZN F . -1.88 -0.52 -1.87
S SO4 G . -1.78 22.54 13.11
O1 SO4 G . -1.44 21.29 13.76
O2 SO4 G . -3.07 23.01 13.59
O3 SO4 G . -0.76 23.55 13.44
O4 SO4 G . -1.82 22.35 11.67
S SO4 H . -5.99 -18.98 -1.92
O1 SO4 H . -5.68 -17.58 -2.22
O2 SO4 H . -5.01 -19.83 -2.58
O3 SO4 H . -5.94 -19.20 -0.49
O4 SO4 H . -7.33 -19.29 -2.43
S SO4 I . -0.69 13.22 -12.80
O1 SO4 I . -2.02 13.74 -13.11
O2 SO4 I . -0.33 13.62 -11.44
O3 SO4 I . -0.70 11.77 -12.90
O4 SO4 I . 0.29 13.76 -13.74
S SO4 J . 5.04 10.82 15.36
O1 SO4 J . 3.91 10.32 14.56
O2 SO4 J . 5.16 12.26 15.16
O3 SO4 J . 4.78 10.55 16.77
O4 SO4 J . 6.27 10.15 14.95
#